data_4HUL
#
_entry.id   4HUL
#
_cell.length_a   118.334
_cell.length_b   118.334
_cell.length_c   227.322
_cell.angle_alpha   90.00
_cell.angle_beta   90.00
_cell.angle_gamma   120.00
#
_symmetry.space_group_name_H-M   'P 32 2 1'
#
loop_
_entity.id
_entity.type
_entity.pdbx_description
1 polymer 'Multidrug efflux protein'
2 polymer 'Protein B'
3 non-polymer 'CESIUM ION'
#
loop_
_entity_poly.entity_id
_entity_poly.type
_entity_poly.pdbx_seq_one_letter_code
_entity_poly.pdbx_strand_id
1 'polypeptide(L)'
;LDRFSFSVFLKEIRLLTALALPMLLAQVAQVGIGFVDTVMAGGAGKEDLAAVALGSSAFATVYITFMGIMAALNPMIAQL
YGAGKTGEAGETGRQGIWFGLILGIFGMILMWAAITPFRNWLTLSDYVEGTMAQYMLFTSLAMPAAMVHRALHAYASSLN
RPRLIMLVSFAAFVLNVPLNYIFVYGKFGMPALGGAGCGVATMAVFWFSALALWIYIAKEKFFRPFGLTAKFGKPDWAVF
KQIWKIGAPIGLSYFLEASAFSFIVFLIAPFGEDYVAAQQVGISLSGILYMIPQSVGSAGTVRIGFSLGRREFSRARYIS
GVSLVSGWVLAVITVLSLVLFRSPLASMYNDDPAVLSIASTVLLFAGLFQPADFTQCIASYALRGYKVTKVPMFIHAAAF
WGCGLLPGYLLAYRFDMGIYGFWTALIASLTIAAVALVWCLEKYSMELVKSHKAVSSGL
;
A
2 'polypeptide(L)'
;ENLYFQGSVSSVPTKLEVVAATPTSLLISWDARGEYVVYYRITYGETGGNSPVQEFTVPGSSSTATISGLSPGVDYTITV
YARSYYWGWYSPISINYRT
;
B
#
loop_
_chem_comp.id
_chem_comp.type
_chem_comp.name
_chem_comp.formula
CS non-polymer 'CESIUM ION' 'Cs 1'
#
# COMPACT_ATOMS: atom_id res chain seq x y z
N LEU A 1 27.43 -16.40 -0.77
CA LEU A 1 28.12 -15.13 -0.38
C LEU A 1 28.60 -14.31 -1.61
N ASP A 2 28.10 -14.64 -2.82
CA ASP A 2 28.16 -13.74 -4.02
C ASP A 2 26.75 -13.26 -4.35
N ARG A 3 25.80 -14.20 -4.39
CA ARG A 3 24.37 -13.89 -4.43
C ARG A 3 23.56 -14.84 -3.54
N PHE A 4 23.27 -14.37 -2.32
CA PHE A 4 22.27 -15.01 -1.43
C PHE A 4 20.89 -14.33 -1.70
N SER A 5 20.81 -13.60 -2.83
CA SER A 5 19.55 -13.23 -3.52
C SER A 5 19.52 -14.05 -4.85
N PHE A 6 18.97 -15.28 -4.78
CA PHE A 6 19.22 -16.42 -5.74
C PHE A 6 19.12 -16.18 -7.27
N SER A 7 18.00 -16.60 -7.89
CA SER A 7 17.82 -16.57 -9.35
C SER A 7 17.20 -15.21 -9.71
N VAL A 8 18.06 -14.21 -9.80
CA VAL A 8 17.65 -12.80 -9.83
C VAL A 8 16.71 -12.44 -10.99
N PHE A 9 17.29 -12.29 -12.18
CA PHE A 9 16.64 -11.67 -13.34
C PHE A 9 15.25 -12.27 -13.59
N LEU A 10 15.25 -13.59 -13.88
CA LEU A 10 14.07 -14.30 -14.34
C LEU A 10 12.84 -13.86 -13.56
N LYS A 11 12.13 -12.96 -14.21
CA LYS A 11 10.78 -12.69 -13.89
C LYS A 11 10.19 -12.46 -15.29
N GLU A 12 10.52 -13.39 -16.21
CA GLU A 12 10.23 -13.21 -17.64
C GLU A 12 9.97 -14.49 -18.46
N ILE A 13 9.03 -14.32 -19.39
CA ILE A 13 8.63 -15.31 -20.41
C ILE A 13 8.19 -14.46 -21.66
N ARG A 14 6.87 -14.38 -21.94
CA ARG A 14 6.28 -13.32 -22.81
C ARG A 14 5.21 -12.51 -22.00
N LEU A 15 5.74 -11.73 -21.05
CA LEU A 15 4.96 -10.92 -20.07
C LEU A 15 4.74 -9.46 -20.55
N LEU A 16 5.33 -9.10 -21.71
CA LEU A 16 5.08 -7.82 -22.42
C LEU A 16 3.64 -7.35 -22.25
N THR A 17 2.76 -8.34 -22.07
CA THR A 17 1.34 -8.16 -21.87
C THR A 17 0.92 -8.44 -20.41
N ALA A 18 1.59 -7.81 -19.44
CA ALA A 18 1.05 -7.65 -18.07
C ALA A 18 0.41 -6.24 -18.00
N LEU A 19 -0.92 -6.19 -18.21
CA LEU A 19 -1.73 -4.94 -18.36
C LEU A 19 -2.47 -4.53 -17.05
N ALA A 20 -1.69 -4.10 -16.07
CA ALA A 20 -2.20 -3.37 -14.91
C ALA A 20 -2.02 -1.86 -15.19
N LEU A 21 -2.70 -1.38 -16.23
CA LEU A 21 -2.80 0.05 -16.59
C LEU A 21 -3.95 0.78 -15.85
N PRO A 22 -5.03 0.05 -15.53
CA PRO A 22 -5.99 0.52 -14.53
C PRO A 22 -5.51 0.48 -13.07
N MET A 23 -4.26 0.05 -12.82
CA MET A 23 -3.57 0.13 -11.49
C MET A 23 -2.56 1.31 -11.45
N LEU A 24 -2.83 2.27 -12.35
CA LEU A 24 -2.18 3.58 -12.42
C LEU A 24 -3.27 4.61 -12.25
N LEU A 25 -4.47 4.28 -12.74
CA LEU A 25 -5.67 5.05 -12.47
C LEU A 25 -6.18 4.78 -11.02
N ALA A 26 -5.41 3.99 -10.27
CA ALA A 26 -5.44 3.97 -8.80
C ALA A 26 -4.62 5.14 -8.21
N GLN A 27 -3.73 5.75 -9.00
CA GLN A 27 -2.92 6.93 -8.56
C GLN A 27 -2.85 8.12 -9.56
N VAL A 28 -3.69 8.13 -10.59
CA VAL A 28 -3.95 9.33 -11.40
C VAL A 28 -5.19 10.06 -10.84
N ALA A 29 -5.90 9.36 -9.94
CA ALA A 29 -6.91 9.97 -9.11
C ALA A 29 -6.24 10.52 -7.87
N GLN A 30 -4.95 10.24 -7.72
CA GLN A 30 -4.14 10.64 -6.54
C GLN A 30 -3.22 11.86 -6.82
N VAL A 31 -3.15 12.23 -8.09
CA VAL A 31 -2.81 13.58 -8.48
C VAL A 31 -4.07 14.43 -8.31
N GLY A 32 -5.23 13.89 -8.68
CA GLY A 32 -6.53 14.48 -8.38
C GLY A 32 -6.81 14.98 -6.95
N ILE A 33 -6.22 14.34 -5.90
CA ILE A 33 -6.34 14.76 -4.44
C ILE A 33 -5.04 15.35 -3.85
N GLY A 34 -3.90 14.85 -4.30
CA GLY A 34 -2.67 15.51 -4.01
C GLY A 34 -2.77 16.97 -4.42
N PHE A 35 -3.77 17.33 -5.26
CA PHE A 35 -3.85 18.67 -5.92
C PHE A 35 -5.07 19.59 -5.64
N VAL A 36 -5.80 19.35 -4.56
CA VAL A 36 -6.60 20.43 -4.00
C VAL A 36 -5.55 21.14 -3.17
N ASP A 37 -5.09 20.43 -2.14
CA ASP A 37 -3.75 20.55 -1.61
C ASP A 37 -3.19 21.97 -1.71
N THR A 38 -2.62 22.33 -2.87
CA THR A 38 -1.97 23.64 -3.05
C THR A 38 -2.99 24.76 -3.40
N VAL A 39 -4.10 24.43 -4.07
CA VAL A 39 -5.14 25.44 -4.41
C VAL A 39 -5.89 25.96 -3.17
N MET A 40 -5.48 25.45 -2.01
CA MET A 40 -5.68 26.11 -0.70
C MET A 40 -4.37 26.44 0.08
N ALA A 41 -3.22 25.93 -0.37
CA ALA A 41 -1.94 26.49 0.08
C ALA A 41 -1.89 27.88 -0.53
N GLY A 42 -2.15 27.96 -1.84
CA GLY A 42 -2.26 29.23 -2.57
C GLY A 42 -3.69 29.62 -2.84
N GLY A 43 -4.52 29.56 -1.82
CA GLY A 43 -5.93 29.98 -1.88
C GLY A 43 -6.13 30.78 -0.61
N ALA A 44 -5.67 30.18 0.51
CA ALA A 44 -5.27 30.86 1.77
C ALA A 44 -3.88 31.53 1.66
N GLY A 45 -3.78 32.36 0.62
CA GLY A 45 -2.78 33.41 0.47
C GLY A 45 -3.46 34.78 0.45
N LYS A 46 -4.72 34.82 -0.01
CA LYS A 46 -5.64 35.95 0.25
C LYS A 46 -5.27 36.51 1.64
N GLU A 47 -5.18 35.59 2.63
CA GLU A 47 -4.56 35.86 3.94
C GLU A 47 -3.05 35.57 3.81
N ASP A 48 -2.23 36.56 4.14
CA ASP A 48 -0.78 36.48 3.98
C ASP A 48 -0.09 35.76 5.16
N LEU A 49 -0.49 36.02 6.41
CA LEU A 49 -0.02 35.16 7.55
C LEU A 49 -0.73 33.79 7.50
N ALA A 50 -1.41 33.56 6.37
CA ALA A 50 -1.84 32.23 5.91
C ALA A 50 -0.74 31.53 5.09
N ALA A 51 0.42 31.49 5.72
CA ALA A 51 1.10 30.24 5.96
C ALA A 51 0.15 29.56 6.97
N VAL A 52 -0.47 28.48 6.48
CA VAL A 52 -1.57 27.81 7.13
C VAL A 52 -1.27 26.31 7.19
N ALA A 53 -0.60 25.77 6.18
CA ALA A 53 -0.13 24.38 6.23
C ALA A 53 0.52 24.03 7.61
N LEU A 54 0.98 25.07 8.32
CA LEU A 54 1.56 25.03 9.71
C LEU A 54 1.06 23.90 10.70
N GLY A 55 -0.14 23.42 10.38
CA GLY A 55 -0.67 22.15 10.83
C GLY A 55 -0.77 21.17 9.68
N SER A 56 -1.36 21.61 8.57
CA SER A 56 -1.70 20.70 7.42
C SER A 56 -0.59 19.76 6.85
N SER A 57 0.70 20.07 7.01
CA SER A 57 1.78 19.07 6.74
C SER A 57 2.38 18.58 8.10
N ALA A 58 1.77 18.98 9.23
CA ALA A 58 2.00 18.35 10.55
C ALA A 58 0.68 17.87 11.20
N PHE A 59 -0.41 17.89 10.42
CA PHE A 59 -1.58 17.00 10.62
C PHE A 59 -1.35 15.73 9.80
N ALA A 60 -1.07 15.85 8.49
CA ALA A 60 -0.84 14.68 7.59
C ALA A 60 0.30 13.86 8.15
N THR A 61 0.35 13.86 9.47
CA THR A 61 1.22 13.08 10.29
C THR A 61 0.40 11.81 10.59
N VAL A 62 -0.73 12.01 11.29
CA VAL A 62 -1.67 10.94 11.68
C VAL A 62 -2.77 10.76 10.64
N TYR A 63 -2.61 11.41 9.50
CA TYR A 63 -3.23 10.91 8.30
C TYR A 63 -2.29 9.82 7.84
N ILE A 64 -1.27 10.16 7.06
CA ILE A 64 -0.58 9.13 6.28
C ILE A 64 0.03 8.05 7.13
N THR A 65 0.31 8.30 8.40
CA THR A 65 0.79 7.19 9.23
C THR A 65 -0.31 6.13 9.63
N PHE A 66 -1.52 6.55 10.04
CA PHE A 66 -2.68 5.63 10.18
C PHE A 66 -3.15 5.12 8.78
N MET A 67 -2.98 5.96 7.77
CA MET A 67 -3.19 5.63 6.36
C MET A 67 -2.58 4.30 6.05
N GLY A 68 -1.27 4.17 6.25
CA GLY A 68 -0.58 2.94 5.94
C GLY A 68 -1.42 1.77 6.39
N ILE A 69 -1.69 1.68 7.70
CA ILE A 69 -2.55 0.66 8.26
C ILE A 69 -3.68 0.37 7.24
N MET A 70 -4.49 1.41 7.01
CA MET A 70 -5.67 1.33 6.13
C MET A 70 -5.38 0.91 4.67
N ALA A 71 -4.58 1.66 3.91
CA ALA A 71 -4.14 1.15 2.61
C ALA A 71 -3.39 -0.23 2.75
N ALA A 72 -3.39 -0.83 3.97
CA ALA A 72 -2.77 -2.13 4.27
C ALA A 72 -3.68 -3.30 4.03
N LEU A 73 -4.89 -3.00 3.55
CA LEU A 73 -5.91 -3.99 3.28
C LEU A 73 -5.89 -4.45 1.86
N ASN A 74 -5.29 -3.64 1.01
CA ASN A 74 -5.28 -3.94 -0.40
C ASN A 74 -5.05 -5.42 -0.71
N PRO A 75 -4.29 -6.14 0.15
CA PRO A 75 -4.26 -7.60 0.04
C PRO A 75 -5.59 -8.19 0.48
N MET A 76 -5.84 -8.23 1.78
CA MET A 76 -7.10 -8.65 2.29
C MET A 76 -8.09 -8.76 1.14
N ILE A 77 -8.47 -7.62 0.52
CA ILE A 77 -9.64 -7.58 -0.40
C ILE A 77 -9.34 -7.89 -1.89
N ALA A 78 -8.10 -7.72 -2.33
CA ALA A 78 -7.74 -8.22 -3.65
C ALA A 78 -7.63 -9.75 -3.55
N GLN A 79 -6.91 -10.19 -2.51
CA GLN A 79 -6.60 -11.61 -2.23
C GLN A 79 -7.81 -12.57 -2.11
N LEU A 80 -8.90 -12.04 -1.58
CA LEU A 80 -10.13 -12.77 -1.48
C LEU A 80 -10.99 -12.40 -2.69
N TYR A 81 -10.38 -11.81 -3.74
CA TYR A 81 -11.03 -11.71 -5.07
C TYR A 81 -10.75 -12.95 -5.93
N GLY A 82 -9.86 -13.81 -5.42
CA GLY A 82 -9.85 -15.22 -5.77
C GLY A 82 -10.34 -16.03 -4.56
N ALA A 83 -11.41 -15.53 -3.91
CA ALA A 83 -12.38 -16.33 -3.09
C ALA A 83 -13.73 -16.06 -3.78
N GLY A 84 -14.83 -15.87 -3.03
CA GLY A 84 -16.14 -15.53 -3.67
C GLY A 84 -16.97 -14.33 -3.14
N LYS A 85 -16.81 -14.10 -1.84
CA LYS A 85 -17.68 -13.20 -1.10
C LYS A 85 -16.96 -11.92 -0.79
N THR A 86 -17.33 -10.91 -1.57
CA THR A 86 -17.05 -9.51 -1.27
C THR A 86 -17.72 -9.07 0.07
N GLY A 87 -18.66 -9.87 0.59
CA GLY A 87 -19.37 -9.59 1.86
C GLY A 87 -18.79 -10.20 3.13
N GLU A 88 -17.86 -11.16 2.96
CA GLU A 88 -16.91 -11.59 4.02
C GLU A 88 -15.51 -11.03 3.71
N ALA A 89 -15.29 -10.63 2.45
CA ALA A 89 -14.27 -9.64 2.18
C ALA A 89 -14.82 -8.25 2.54
N GLY A 90 -16.14 -8.15 2.67
CA GLY A 90 -16.81 -6.92 3.09
C GLY A 90 -17.29 -6.88 4.54
N GLU A 91 -17.43 -8.05 5.21
CA GLU A 91 -17.60 -8.08 6.68
C GLU A 91 -16.26 -7.68 7.30
N THR A 92 -15.23 -7.76 6.49
CA THR A 92 -13.97 -7.13 6.74
C THR A 92 -14.07 -5.67 6.27
N GLY A 93 -14.31 -5.49 4.95
CA GLY A 93 -14.57 -4.19 4.34
C GLY A 93 -15.53 -3.30 5.10
N ARG A 94 -16.23 -3.92 6.03
CA ARG A 94 -16.89 -3.22 7.11
C ARG A 94 -15.97 -3.20 8.35
N GLN A 95 -15.58 -4.35 8.91
CA GLN A 95 -14.91 -4.39 10.23
C GLN A 95 -13.73 -3.40 10.28
N GLY A 96 -13.16 -3.17 9.09
CA GLY A 96 -12.17 -2.15 8.90
C GLY A 96 -12.79 -0.77 8.74
N ILE A 97 -13.90 -0.66 8.01
CA ILE A 97 -14.58 0.65 7.87
C ILE A 97 -15.09 1.11 9.24
N TRP A 98 -15.11 0.16 10.20
CA TRP A 98 -15.23 0.40 11.65
C TRP A 98 -13.96 1.01 12.20
N PHE A 99 -12.86 0.32 11.91
CA PHE A 99 -11.51 0.82 12.10
C PHE A 99 -11.38 2.19 11.45
N GLY A 100 -11.57 2.20 10.11
CA GLY A 100 -11.63 3.41 9.28
C GLY A 100 -12.62 4.43 9.78
N LEU A 101 -12.54 4.65 11.10
CA LEU A 101 -13.39 5.54 11.82
C LEU A 101 -13.21 5.30 13.26
N ILE A 102 -12.88 4.05 13.61
CA ILE A 102 -12.39 3.76 14.95
C ILE A 102 -10.96 4.29 15.18
N LEU A 103 -10.02 3.95 14.31
CA LEU A 103 -8.73 4.58 14.41
C LEU A 103 -8.97 5.99 13.97
N GLY A 104 -9.97 6.16 13.10
CA GLY A 104 -10.39 7.46 12.61
C GLY A 104 -10.84 8.44 13.67
N ILE A 105 -11.41 7.94 14.74
CA ILE A 105 -11.66 8.76 15.91
C ILE A 105 -10.44 8.84 16.83
N PHE A 106 -9.29 8.30 16.44
CA PHE A 106 -8.03 8.64 17.10
C PHE A 106 -7.36 9.66 16.24
N GLY A 107 -7.29 9.42 14.92
CA GLY A 107 -6.99 10.48 13.98
C GLY A 107 -7.71 11.69 14.55
N MET A 108 -8.98 11.49 14.81
CA MET A 108 -9.85 12.53 15.34
C MET A 108 -9.74 12.88 16.83
N ILE A 109 -8.99 12.11 17.63
CA ILE A 109 -8.82 12.38 19.10
C ILE A 109 -7.38 12.60 19.53
N LEU A 110 -6.48 12.03 18.76
CA LEU A 110 -5.08 12.19 19.06
C LEU A 110 -4.75 13.56 18.50
N MET A 111 -5.40 13.93 17.40
CA MET A 111 -5.34 15.30 16.90
C MET A 111 -5.67 16.32 17.99
N TRP A 112 -6.62 15.99 18.86
CA TRP A 112 -6.98 16.89 19.96
C TRP A 112 -5.74 17.15 20.77
N ALA A 113 -5.35 16.14 21.56
CA ALA A 113 -4.18 16.22 22.43
C ALA A 113 -3.15 17.09 21.74
N ALA A 114 -2.94 16.76 20.46
CA ALA A 114 -2.09 17.53 19.55
C ALA A 114 -1.69 18.88 20.09
N ILE A 115 -2.67 19.75 19.91
CA ILE A 115 -2.42 21.13 19.58
C ILE A 115 -1.74 21.86 20.77
N THR A 116 -0.45 21.60 20.92
CA THR A 116 0.39 22.40 21.76
C THR A 116 1.74 22.52 21.09
N PRO A 117 1.79 23.01 19.81
CA PRO A 117 3.05 23.65 19.31
C PRO A 117 3.53 24.93 20.08
N PHE A 118 2.81 25.27 21.15
CA PHE A 118 3.24 26.27 22.13
C PHE A 118 4.44 25.74 22.90
N ARG A 119 5.57 25.62 22.20
CA ARG A 119 6.73 24.90 22.69
C ARG A 119 7.97 25.40 21.93
N ASN A 120 9.17 25.10 22.46
CA ASN A 120 10.45 25.57 21.89
C ASN A 120 11.80 24.85 22.23
N TRP A 121 12.63 24.72 21.19
CA TRP A 121 14.07 24.44 21.35
C TRP A 121 14.97 24.90 20.19
N LEU A 122 14.42 25.17 18.99
CA LEU A 122 15.25 25.70 17.86
C LEU A 122 14.45 26.43 16.73
N THR A 123 15.18 26.88 15.68
CA THR A 123 14.77 27.90 14.64
C THR A 123 13.34 27.92 14.02
N LEU A 124 13.03 29.06 13.36
CA LEU A 124 11.74 29.38 12.68
C LEU A 124 11.35 28.40 11.54
N SER A 125 10.03 28.17 11.38
CA SER A 125 9.46 26.98 10.68
C SER A 125 9.58 25.72 11.57
N ASP A 126 9.74 25.91 12.90
CA ASP A 126 9.66 24.84 13.95
C ASP A 126 9.73 25.33 15.47
N TYR A 127 9.09 26.46 15.84
CA TYR A 127 8.87 26.88 17.30
C TYR A 127 8.05 28.17 17.73
N VAL A 128 8.07 29.23 16.90
CA VAL A 128 7.95 30.65 17.39
C VAL A 128 6.60 31.13 18.00
N GLU A 129 5.60 31.53 17.20
CA GLU A 129 4.18 31.71 17.66
C GLU A 129 3.70 33.03 18.36
N GLY A 130 2.92 33.88 17.66
CA GLY A 130 2.19 35.01 18.31
C GLY A 130 0.72 35.02 17.93
N THR A 131 0.49 34.99 16.61
CA THR A 131 -0.84 34.88 16.00
C THR A 131 -0.96 33.47 15.40
N MET A 132 -1.81 32.64 16.01
CA MET A 132 -2.19 31.36 15.40
C MET A 132 -3.72 31.32 15.15
N ALA A 133 -4.14 31.70 13.94
CA ALA A 133 -5.44 31.28 13.39
C ALA A 133 -5.28 29.79 12.89
N GLN A 134 -4.24 29.10 13.42
CA GLN A 134 -3.90 27.69 13.13
C GLN A 134 -4.50 26.80 14.23
N TYR A 135 -4.47 27.29 15.45
CA TYR A 135 -5.53 27.09 16.42
C TYR A 135 -6.61 26.13 15.84
N MET A 136 -7.25 26.53 14.72
CA MET A 136 -8.53 25.92 14.20
C MET A 136 -8.50 25.07 12.92
N LEU A 137 -7.45 25.17 12.10
CA LEU A 137 -7.17 24.21 11.04
C LEU A 137 -6.75 22.93 11.76
N PHE A 138 -6.19 23.14 12.95
CA PHE A 138 -5.87 22.08 13.91
C PHE A 138 -7.11 21.36 14.43
N THR A 139 -8.30 21.69 13.92
CA THR A 139 -9.49 21.10 14.50
C THR A 139 -10.68 21.14 13.57
N SER A 140 -10.98 22.33 12.99
CA SER A 140 -11.92 22.46 11.83
C SER A 140 -11.37 21.61 10.67
N LEU A 141 -10.11 21.20 10.81
CA LEU A 141 -9.47 20.26 9.92
C LEU A 141 -8.75 19.11 10.68
N ALA A 142 -8.93 19.00 11.97
CA ALA A 142 -8.45 17.82 12.68
C ALA A 142 -9.61 17.03 13.28
N MET A 143 -10.80 17.61 13.25
CA MET A 143 -12.02 16.82 13.40
C MET A 143 -12.29 15.81 12.27
N PRO A 144 -11.87 16.10 11.02
CA PRO A 144 -12.09 15.07 10.00
C PRO A 144 -11.50 13.63 10.18
N ALA A 145 -10.24 13.45 10.62
CA ALA A 145 -9.49 12.15 10.46
C ALA A 145 -10.32 10.91 10.83
N ALA A 146 -11.58 11.10 11.30
CA ALA A 146 -12.56 10.03 11.36
C ALA A 146 -13.11 9.83 9.93
N MET A 147 -13.97 10.73 9.46
CA MET A 147 -14.65 10.54 8.13
C MET A 147 -13.73 10.46 6.90
N VAL A 148 -12.46 10.38 7.24
CA VAL A 148 -11.38 10.53 6.30
C VAL A 148 -10.60 9.21 6.25
N HIS A 149 -11.00 8.33 7.15
CA HIS A 149 -10.44 7.05 7.19
C HIS A 149 -11.31 6.09 6.46
N ARG A 150 -12.61 6.19 6.67
CA ARG A 150 -13.56 5.48 5.83
C ARG A 150 -13.46 5.89 4.37
N ALA A 151 -13.12 7.18 4.16
CA ALA A 151 -12.89 7.81 2.84
C ALA A 151 -11.48 7.54 2.21
N LEU A 152 -10.71 6.65 2.90
CA LEU A 152 -9.58 5.77 2.36
C LEU A 152 -9.86 4.23 2.43
N HIS A 153 -10.59 3.79 3.44
CA HIS A 153 -11.07 2.44 3.42
C HIS A 153 -11.62 2.29 2.03
N ALA A 154 -12.45 3.25 1.57
CA ALA A 154 -12.86 3.36 0.15
C ALA A 154 -11.93 2.68 -0.88
N TYR A 155 -10.79 3.29 -1.28
CA TYR A 155 -9.96 2.65 -2.34
C TYR A 155 -9.26 1.33 -1.93
N ALA A 156 -9.19 1.10 -0.60
CA ALA A 156 -8.87 -0.22 -0.01
C ALA A 156 -10.00 -1.24 -0.26
N SER A 157 -11.05 -0.77 -0.95
CA SER A 157 -12.05 -1.59 -1.65
C SER A 157 -12.29 -1.07 -3.09
N SER A 158 -11.21 -0.56 -3.70
CA SER A 158 -11.10 -0.37 -5.15
C SER A 158 -10.32 -1.52 -5.73
N LEU A 159 -10.02 -2.53 -4.91
CA LEU A 159 -9.08 -3.62 -5.26
C LEU A 159 -9.82 -4.80 -5.88
N ASN A 160 -10.08 -4.65 -7.17
CA ASN A 160 -10.91 -5.53 -7.96
C ASN A 160 -11.62 -4.69 -9.02
N ARG A 161 -10.93 -4.29 -10.08
CA ARG A 161 -11.56 -3.56 -11.21
C ARG A 161 -12.47 -2.30 -10.99
N PRO A 162 -12.32 -1.53 -9.89
CA PRO A 162 -12.68 -0.19 -10.28
C PRO A 162 -11.70 0.88 -9.82
N ARG A 163 -11.54 1.89 -10.68
CA ARG A 163 -10.99 3.18 -10.33
C ARG A 163 -12.13 4.22 -10.53
N LEU A 164 -13.29 3.94 -9.89
CA LEU A 164 -14.42 4.89 -9.72
C LEU A 164 -14.15 5.77 -8.49
N ILE A 165 -12.85 5.90 -8.14
CA ILE A 165 -12.33 6.94 -7.24
C ILE A 165 -11.68 8.05 -8.08
N MET A 166 -10.97 7.67 -9.15
CA MET A 166 -10.55 8.67 -10.15
C MET A 166 -11.79 9.41 -10.67
N LEU A 167 -12.93 8.71 -10.68
CA LEU A 167 -14.23 9.32 -10.98
C LEU A 167 -14.55 10.43 -9.93
N VAL A 168 -14.60 10.06 -8.64
CA VAL A 168 -15.08 10.97 -7.59
C VAL A 168 -14.02 11.91 -7.05
N SER A 169 -12.83 11.40 -6.72
CA SER A 169 -11.77 12.24 -6.12
C SER A 169 -11.19 13.26 -7.10
N PHE A 170 -11.94 13.55 -8.17
CA PHE A 170 -11.64 14.58 -9.17
C PHE A 170 -12.77 15.63 -9.16
N ALA A 171 -14.02 15.16 -9.26
CA ALA A 171 -15.17 15.98 -8.90
C ALA A 171 -15.12 16.36 -7.39
N ALA A 172 -14.23 15.72 -6.61
CA ALA A 172 -14.03 16.00 -5.17
C ALA A 172 -13.26 17.29 -4.96
N PHE A 173 -12.04 17.31 -5.49
CA PHE A 173 -11.23 18.51 -5.54
C PHE A 173 -12.01 19.73 -5.98
N VAL A 174 -12.72 19.60 -7.10
CA VAL A 174 -13.35 20.78 -7.70
C VAL A 174 -14.50 21.31 -6.86
N LEU A 175 -15.14 20.43 -6.08
CA LEU A 175 -16.24 20.84 -5.20
C LEU A 175 -15.73 21.46 -3.95
N ASN A 176 -14.52 21.03 -3.59
CA ASN A 176 -13.75 21.68 -2.56
C ASN A 176 -13.22 23.07 -2.91
N VAL A 177 -12.75 23.29 -4.13
CA VAL A 177 -12.06 24.53 -4.36
C VAL A 177 -13.03 25.68 -4.30
N PRO A 178 -14.11 25.66 -5.10
CA PRO A 178 -15.23 26.56 -4.80
C PRO A 178 -15.58 26.69 -3.30
N LEU A 179 -15.97 25.58 -2.70
CA LEU A 179 -16.19 25.50 -1.26
C LEU A 179 -14.96 25.92 -0.39
N ASN A 180 -13.75 25.69 -0.86
CA ASN A 180 -12.59 26.05 -0.07
C ASN A 180 -12.64 27.49 0.35
N TYR A 181 -12.90 28.40 -0.59
CA TYR A 181 -12.71 29.83 -0.34
C TYR A 181 -13.93 30.49 0.28
N ILE A 182 -15.08 29.86 0.12
CA ILE A 182 -16.28 30.25 0.85
C ILE A 182 -16.02 30.59 2.32
N PHE A 183 -15.14 29.87 2.99
CA PHE A 183 -14.89 30.17 4.40
C PHE A 183 -13.72 31.05 4.59
N VAL A 184 -12.80 31.12 3.63
CA VAL A 184 -11.66 31.95 3.90
C VAL A 184 -12.09 33.41 4.01
N TYR A 185 -12.88 33.81 3.02
CA TYR A 185 -13.95 34.78 3.21
C TYR A 185 -14.91 34.49 2.08
N GLY A 186 -16.21 34.45 2.37
CA GLY A 186 -17.19 34.02 1.35
C GLY A 186 -18.52 34.71 1.30
N LYS A 187 -19.49 33.99 0.74
CA LYS A 187 -20.81 34.51 0.43
C LYS A 187 -21.70 34.44 1.66
N PHE A 188 -23.03 34.50 1.42
CA PHE A 188 -24.02 34.11 2.43
C PHE A 188 -23.26 33.28 3.48
N GLY A 189 -22.49 32.30 2.98
CA GLY A 189 -21.54 31.47 3.75
C GLY A 189 -21.06 32.03 5.08
N MET A 190 -20.66 31.13 5.97
CA MET A 190 -20.13 31.44 7.31
C MET A 190 -18.89 32.31 7.15
N PRO A 191 -19.06 33.47 6.52
CA PRO A 191 -17.98 33.89 5.65
C PRO A 191 -16.64 34.24 6.32
N ALA A 192 -16.42 33.87 7.59
CA ALA A 192 -15.31 34.48 8.35
C ALA A 192 -14.04 33.68 8.41
N LEU A 193 -14.00 32.68 9.27
CA LEU A 193 -12.73 32.06 9.63
C LEU A 193 -12.05 31.49 8.38
N GLY A 194 -10.97 32.14 7.94
CA GLY A 194 -10.29 31.77 6.70
C GLY A 194 -8.94 31.11 6.84
N GLY A 195 -8.17 31.54 7.85
CA GLY A 195 -6.88 30.93 8.19
C GLY A 195 -7.12 29.77 9.14
N ALA A 196 -7.63 28.67 8.57
CA ALA A 196 -8.22 27.54 9.29
C ALA A 196 -9.37 27.06 8.49
N GLY A 197 -10.03 28.03 7.87
CA GLY A 197 -11.25 27.83 7.10
C GLY A 197 -11.03 27.45 5.67
N CYS A 198 -9.79 27.55 5.19
CA CYS A 198 -9.46 26.81 4.01
C CYS A 198 -9.73 25.36 4.41
N GLY A 199 -9.38 25.02 5.67
CA GLY A 199 -9.39 23.63 6.23
C GLY A 199 -10.69 23.00 6.73
N VAL A 200 -11.46 23.80 7.46
CA VAL A 200 -12.86 23.51 7.57
C VAL A 200 -13.38 23.25 6.14
N ALA A 201 -12.96 24.02 5.13
CA ALA A 201 -13.45 23.81 3.76
C ALA A 201 -12.91 22.54 3.09
N THR A 202 -11.63 22.24 3.30
CA THR A 202 -11.05 21.01 2.73
C THR A 202 -11.75 19.79 3.35
N MET A 203 -11.66 19.70 4.69
CA MET A 203 -12.31 18.64 5.47
C MET A 203 -13.81 18.55 5.20
N ALA A 204 -14.39 19.63 4.68
CA ALA A 204 -15.76 19.61 4.16
C ALA A 204 -15.80 18.51 3.17
N VAL A 205 -14.90 18.55 2.19
CA VAL A 205 -14.97 17.59 1.08
C VAL A 205 -14.40 16.14 1.39
N PHE A 206 -13.85 15.94 2.59
CA PHE A 206 -13.55 14.58 3.09
C PHE A 206 -14.80 13.80 3.33
N TRP A 207 -15.67 14.48 4.04
CA TRP A 207 -16.91 13.94 4.45
C TRP A 207 -17.75 13.67 3.25
N PHE A 208 -17.50 14.40 2.16
CA PHE A 208 -18.16 14.25 0.87
C PHE A 208 -17.59 13.15 0.01
N SER A 209 -16.29 12.91 0.13
CA SER A 209 -15.76 11.75 -0.52
C SER A 209 -15.65 10.59 0.47
N ALA A 210 -16.12 10.77 1.71
CA ALA A 210 -16.47 9.62 2.59
C ALA A 210 -17.82 8.91 2.09
N LEU A 211 -18.68 9.67 1.43
CA LEU A 211 -19.91 9.18 0.83
C LEU A 211 -19.80 9.37 -0.69
N ALA A 212 -18.57 9.23 -1.16
CA ALA A 212 -18.27 8.85 -2.50
C ALA A 212 -18.00 7.34 -2.44
N LEU A 213 -18.10 6.80 -1.22
CA LEU A 213 -18.14 5.35 -0.91
C LEU A 213 -19.61 5.05 -0.96
N TRP A 214 -20.35 5.50 0.04
CA TRP A 214 -21.76 5.25 -0.01
C TRP A 214 -22.29 5.33 -1.35
N ILE A 215 -21.98 6.37 -2.11
CA ILE A 215 -22.50 6.48 -3.49
C ILE A 215 -21.91 5.48 -4.54
N TYR A 216 -21.28 4.40 -4.09
CA TYR A 216 -20.89 3.35 -5.02
C TYR A 216 -21.03 1.91 -4.51
N ILE A 217 -22.12 1.72 -3.77
CA ILE A 217 -22.85 0.47 -3.77
C ILE A 217 -23.85 0.91 -4.87
N ALA A 218 -23.39 0.91 -6.14
CA ALA A 218 -24.13 1.62 -7.22
C ALA A 218 -24.14 0.97 -8.64
N LYS A 219 -23.00 0.48 -9.14
CA LYS A 219 -22.92 0.00 -10.53
C LYS A 219 -22.89 -1.53 -10.74
N GLU A 220 -22.93 -2.32 -9.66
CA GLU A 220 -22.89 -3.79 -9.76
C GLU A 220 -23.26 -4.40 -8.38
N LYS A 221 -23.17 -5.72 -8.24
CA LYS A 221 -23.32 -6.39 -6.94
C LYS A 221 -22.50 -5.72 -5.81
N PHE A 222 -23.04 -5.87 -4.61
CA PHE A 222 -22.62 -5.14 -3.40
C PHE A 222 -21.12 -5.11 -3.03
N PHE A 223 -20.76 -4.14 -2.17
CA PHE A 223 -19.71 -4.32 -1.12
C PHE A 223 -20.21 -3.79 0.26
N ARG A 224 -21.52 -3.70 0.38
CA ARG A 224 -22.16 -3.18 1.57
C ARG A 224 -22.67 -4.33 2.42
N PRO A 225 -21.83 -4.82 3.36
CA PRO A 225 -22.44 -5.39 4.54
C PRO A 225 -22.06 -4.45 5.67
N PHE A 226 -22.80 -3.36 5.78
CA PHE A 226 -22.70 -2.48 6.93
C PHE A 226 -23.93 -2.77 7.77
N GLY A 227 -24.06 -4.03 8.17
CA GLY A 227 -24.85 -4.34 9.34
C GLY A 227 -23.95 -3.88 10.45
N LEU A 228 -24.45 -3.90 11.69
CA LEU A 228 -23.61 -3.61 12.89
C LEU A 228 -22.14 -4.22 12.73
N THR A 229 -21.20 -3.31 12.41
CA THR A 229 -19.76 -3.53 12.18
C THR A 229 -18.96 -4.02 13.42
N ALA A 230 -19.67 -4.31 14.52
CA ALA A 230 -19.11 -4.82 15.78
C ALA A 230 -18.21 -6.05 15.55
N LYS A 231 -17.68 -6.63 16.63
CA LYS A 231 -16.62 -7.65 16.49
C LYS A 231 -16.76 -8.93 17.38
N PHE A 232 -16.52 -8.80 18.68
CA PHE A 232 -16.32 -9.94 19.65
C PHE A 232 -16.60 -11.42 19.21
N GLY A 233 -15.60 -12.27 19.46
CA GLY A 233 -15.65 -13.72 19.18
C GLY A 233 -14.63 -14.53 19.96
N LYS A 234 -13.51 -13.88 20.36
CA LYS A 234 -12.51 -14.43 21.31
C LYS A 234 -12.35 -13.36 22.44
N PRO A 235 -11.12 -13.19 23.03
CA PRO A 235 -10.92 -11.91 23.74
C PRO A 235 -11.06 -10.60 22.91
N ASP A 236 -10.75 -10.64 21.60
CA ASP A 236 -10.98 -9.51 20.63
C ASP A 236 -11.06 -10.01 19.18
N TRP A 237 -12.21 -9.81 18.54
CA TRP A 237 -12.48 -10.41 17.24
C TRP A 237 -11.61 -9.88 16.14
N ALA A 238 -10.97 -10.81 15.44
CA ALA A 238 -10.10 -10.51 14.30
C ALA A 238 -10.93 -10.13 13.08
N VAL A 239 -10.43 -10.48 11.89
CA VAL A 239 -10.82 -9.79 10.65
C VAL A 239 -10.84 -8.29 10.98
N PHE A 240 -9.83 -7.90 11.75
CA PHE A 240 -9.80 -6.68 12.52
C PHE A 240 -8.48 -6.77 13.27
N LYS A 241 -8.42 -7.65 14.27
CA LYS A 241 -7.14 -8.05 14.86
C LYS A 241 -6.20 -8.59 13.78
N GLN A 242 -6.79 -9.10 12.70
CA GLN A 242 -6.02 -9.46 11.50
C GLN A 242 -5.35 -8.25 10.82
N ILE A 243 -6.13 -7.20 10.52
CA ILE A 243 -5.57 -5.95 9.96
C ILE A 243 -4.50 -5.39 10.90
N TRP A 244 -4.50 -5.84 12.14
CA TRP A 244 -3.59 -5.31 13.11
C TRP A 244 -2.20 -5.39 12.58
N LYS A 245 -1.67 -6.59 12.33
CA LYS A 245 -0.26 -6.70 11.87
C LYS A 245 -0.12 -6.87 10.35
N ILE A 246 -1.09 -6.28 9.64
CA ILE A 246 -0.83 -5.54 8.38
C ILE A 246 -0.85 -4.00 8.65
N GLY A 247 -1.22 -3.61 9.86
CA GLY A 247 -1.23 -2.20 10.26
C GLY A 247 0.09 -1.66 10.78
N ALA A 248 0.41 -1.98 12.06
CA ALA A 248 1.68 -1.59 12.72
C ALA A 248 2.83 -1.61 11.77
N PRO A 249 2.96 -2.69 11.00
CA PRO A 249 4.12 -2.66 10.15
C PRO A 249 4.01 -1.69 8.96
N ILE A 250 2.82 -1.23 8.64
CA ILE A 250 2.76 -0.41 7.48
C ILE A 250 3.09 0.97 7.99
N GLY A 251 2.20 1.57 8.76
CA GLY A 251 2.39 2.93 9.22
C GLY A 251 3.81 3.15 9.68
N LEU A 252 4.22 2.42 10.73
CA LEU A 252 5.56 2.53 11.36
C LEU A 252 6.66 2.40 10.35
N SER A 253 6.31 1.83 9.19
CA SER A 253 7.17 1.88 8.01
C SER A 253 6.79 3.01 7.01
N TYR A 254 5.59 3.62 7.12
CA TYR A 254 5.36 4.95 6.53
C TYR A 254 6.08 5.98 7.43
N PHE A 255 6.50 5.49 8.60
CA PHE A 255 7.33 6.24 9.52
C PHE A 255 8.83 6.10 9.25
N LEU A 256 9.15 5.78 8.00
CA LEU A 256 10.47 6.08 7.47
C LEU A 256 10.24 7.51 7.04
N GLU A 257 9.70 7.70 5.84
CA GLU A 257 9.42 9.01 5.30
C GLU A 257 8.74 9.93 6.32
N ALA A 258 8.48 9.43 7.55
CA ALA A 258 7.99 10.21 8.71
C ALA A 258 9.09 10.85 9.56
N SER A 259 10.25 10.18 9.60
CA SER A 259 11.48 10.83 10.04
C SER A 259 12.14 11.54 8.82
N ALA A 260 11.86 11.10 7.57
CA ALA A 260 12.35 11.73 6.28
C ALA A 260 11.65 13.03 5.96
N PHE A 261 11.19 13.60 7.11
CA PHE A 261 10.26 14.76 7.40
C PHE A 261 10.88 15.49 8.68
N SER A 262 11.58 14.75 9.56
CA SER A 262 12.48 15.30 10.60
C SER A 262 13.98 15.05 10.32
N PHE A 263 14.27 14.82 9.06
CA PHE A 263 15.63 14.77 8.56
C PHE A 263 15.72 15.95 7.60
N ILE A 264 15.01 15.82 6.49
CA ILE A 264 15.00 16.79 5.39
C ILE A 264 14.53 18.17 5.90
N VAL A 265 13.72 18.15 6.99
CA VAL A 265 13.34 19.34 7.76
C VAL A 265 14.06 19.39 9.15
N PHE A 266 15.34 18.97 9.20
CA PHE A 266 16.30 19.44 10.22
C PHE A 266 17.64 19.81 9.64
N LEU A 267 17.75 19.79 8.31
CA LEU A 267 18.89 20.36 7.63
C LEU A 267 18.43 21.43 6.66
N ILE A 268 18.01 22.55 7.23
CA ILE A 268 17.96 23.84 6.53
C ILE A 268 18.58 24.96 7.40
N ALA A 269 18.49 24.82 8.74
CA ALA A 269 18.92 25.86 9.68
C ALA A 269 20.11 25.49 10.59
N PRO A 270 21.17 24.89 10.01
CA PRO A 270 22.44 25.28 10.58
C PRO A 270 22.68 26.68 10.02
N PHE A 271 23.92 27.18 10.00
CA PHE A 271 24.23 28.43 9.27
C PHE A 271 23.85 28.32 7.76
N GLY A 272 23.17 27.23 7.38
CA GLY A 272 22.86 26.91 5.99
C GLY A 272 21.57 27.50 5.43
N GLU A 273 20.75 28.11 6.29
CA GLU A 273 19.57 28.92 5.90
C GLU A 273 19.10 28.92 4.42
N ASP A 274 19.79 29.68 3.56
CA ASP A 274 19.26 30.16 2.25
C ASP A 274 18.70 29.05 1.31
N TYR A 275 19.51 28.50 0.39
CA TYR A 275 19.05 27.46 -0.56
C TYR A 275 19.06 26.05 0.05
N VAL A 276 19.31 25.95 1.36
CA VAL A 276 19.20 24.68 2.11
C VAL A 276 17.77 24.51 2.66
N ALA A 277 16.99 25.57 2.64
CA ALA A 277 15.55 25.45 2.86
C ALA A 277 14.81 25.32 1.51
N ALA A 278 15.46 25.72 0.41
CA ALA A 278 14.99 25.41 -0.96
C ALA A 278 15.46 24.01 -1.42
N GLN A 279 15.88 23.20 -0.43
CA GLN A 279 15.93 21.73 -0.48
C GLN A 279 14.53 21.22 -0.13
N GLN A 280 13.54 21.79 -0.78
CA GLN A 280 12.15 21.44 -0.52
C GLN A 280 11.20 21.85 -1.65
N VAL A 281 11.49 22.94 -2.39
CA VAL A 281 10.92 23.08 -3.75
C VAL A 281 11.54 21.93 -4.54
N GLY A 282 12.65 21.37 -4.02
CA GLY A 282 13.20 20.09 -4.46
C GLY A 282 12.42 18.87 -3.96
N ILE A 283 12.44 18.62 -2.66
CA ILE A 283 11.92 17.35 -2.08
C ILE A 283 10.39 17.23 -1.96
N SER A 284 9.69 18.35 -2.21
CA SER A 284 8.25 18.35 -2.45
C SER A 284 7.97 18.13 -3.94
N LEU A 285 9.02 18.17 -4.78
CA LEU A 285 8.93 17.68 -6.17
C LEU A 285 9.37 16.18 -6.24
N SER A 286 9.84 15.63 -5.09
CA SER A 286 9.82 14.16 -4.81
C SER A 286 8.37 13.73 -4.60
N GLY A 287 7.81 13.97 -3.41
CA GLY A 287 6.38 13.84 -3.27
C GLY A 287 5.70 13.88 -4.63
N ILE A 288 5.79 15.04 -5.36
CA ILE A 288 4.85 15.46 -6.49
C ILE A 288 4.62 14.48 -7.62
N LEU A 289 5.67 14.14 -8.33
CA LEU A 289 5.55 13.10 -9.29
C LEU A 289 6.64 12.13 -8.90
N TYR A 290 6.56 11.76 -7.63
CA TYR A 290 7.07 10.51 -7.10
C TYR A 290 5.86 9.62 -6.81
N MET A 291 4.75 10.27 -6.54
CA MET A 291 3.46 9.63 -6.28
C MET A 291 3.00 8.69 -7.40
N ILE A 292 2.76 9.24 -8.59
CA ILE A 292 2.28 8.45 -9.73
C ILE A 292 3.21 7.24 -9.98
N PRO A 293 4.54 7.45 -9.82
CA PRO A 293 5.59 6.43 -9.58
C PRO A 293 5.32 5.49 -8.40
N GLN A 294 6.20 5.43 -7.40
CA GLN A 294 5.83 4.83 -6.11
C GLN A 294 4.65 3.92 -6.34
N SER A 295 3.51 4.59 -6.42
CA SER A 295 2.20 4.09 -6.10
C SER A 295 1.51 3.41 -7.27
N VAL A 296 2.28 3.08 -8.30
CA VAL A 296 1.84 2.12 -9.31
C VAL A 296 1.77 0.74 -8.69
N GLY A 297 2.66 0.50 -7.72
CA GLY A 297 2.80 -0.78 -6.99
C GLY A 297 1.97 -0.87 -5.74
N SER A 298 1.82 0.25 -5.05
CA SER A 298 0.73 0.41 -4.07
C SER A 298 -0.61 0.57 -4.84
N ALA A 299 -0.57 0.40 -6.19
CA ALA A 299 -1.73 0.12 -7.04
C ALA A 299 -1.58 -1.28 -7.66
N GLY A 300 -0.37 -1.61 -8.10
CA GLY A 300 -0.05 -2.96 -8.48
C GLY A 300 -0.31 -3.95 -7.36
N THR A 301 0.14 -3.62 -6.13
CA THR A 301 -0.04 -4.48 -4.91
C THR A 301 -1.38 -5.27 -4.79
N VAL A 302 -2.32 -4.95 -5.69
CA VAL A 302 -3.46 -5.81 -5.95
C VAL A 302 -2.99 -6.91 -6.84
N ARG A 303 -2.80 -6.61 -8.13
CA ARG A 303 -2.63 -7.66 -9.14
C ARG A 303 -1.59 -8.73 -8.78
N ILE A 304 -1.19 -8.72 -7.50
CA ILE A 304 -0.26 -9.68 -6.89
C ILE A 304 -0.92 -10.44 -5.71
N GLY A 305 -1.36 -9.73 -4.68
CA GLY A 305 -2.16 -10.33 -3.63
C GLY A 305 -3.47 -10.94 -4.16
N PHE A 306 -4.09 -10.28 -5.14
CA PHE A 306 -5.34 -10.72 -5.85
C PHE A 306 -5.16 -12.04 -6.57
N SER A 307 -3.98 -12.16 -7.14
CA SER A 307 -3.63 -13.27 -7.92
C SER A 307 -2.74 -14.19 -7.07
N LEU A 308 -3.11 -14.40 -5.80
CA LEU A 308 -2.59 -15.48 -4.91
C LEU A 308 -3.76 -16.37 -4.50
N GLY A 309 -4.91 -15.76 -4.21
CA GLY A 309 -6.18 -16.47 -4.10
C GLY A 309 -6.51 -17.04 -5.47
N ARG A 310 -6.62 -16.15 -6.46
CA ARG A 310 -6.66 -16.57 -7.85
C ARG A 310 -5.37 -17.29 -8.10
N ARG A 311 -5.44 -18.61 -7.96
CA ARG A 311 -4.35 -19.44 -7.45
C ARG A 311 -3.18 -19.55 -8.46
N GLU A 312 -2.65 -18.39 -8.83
CA GLU A 312 -1.58 -18.27 -9.83
C GLU A 312 -0.26 -17.83 -9.15
N PHE A 313 0.44 -18.80 -8.58
CA PHE A 313 1.54 -18.59 -7.65
C PHE A 313 2.81 -18.16 -8.37
N SER A 314 2.95 -16.84 -8.55
CA SER A 314 4.04 -16.26 -9.31
C SER A 314 3.75 -16.16 -10.83
N ARG A 315 2.63 -16.69 -11.33
CA ARG A 315 2.01 -16.10 -12.53
C ARG A 315 1.62 -14.67 -12.09
N ALA A 316 1.88 -14.39 -10.81
CA ALA A 316 1.84 -13.06 -10.18
C ALA A 316 3.23 -12.53 -9.76
N ARG A 317 3.89 -13.24 -8.86
CA ARG A 317 5.22 -12.86 -8.39
C ARG A 317 6.36 -12.85 -9.44
N TYR A 318 6.11 -13.42 -10.62
CA TYR A 318 6.88 -13.10 -11.85
C TYR A 318 5.94 -12.38 -12.88
N ILE A 319 5.03 -11.55 -12.32
CA ILE A 319 4.63 -10.22 -12.89
C ILE A 319 4.99 -9.07 -11.89
N SER A 320 5.18 -9.45 -10.62
CA SER A 320 5.86 -8.63 -9.60
C SER A 320 7.28 -8.24 -10.02
N GLY A 321 7.77 -8.78 -11.12
CA GLY A 321 8.86 -8.15 -11.83
C GLY A 321 8.31 -7.27 -12.96
N VAL A 322 7.54 -7.88 -13.86
CA VAL A 322 7.22 -7.25 -15.16
C VAL A 322 6.40 -5.99 -15.03
N SER A 323 6.05 -5.68 -13.79
CA SER A 323 5.55 -4.38 -13.48
C SER A 323 6.55 -3.62 -12.57
N LEU A 324 7.38 -4.34 -11.79
CA LEU A 324 8.55 -3.77 -11.04
C LEU A 324 9.37 -2.88 -11.98
N VAL A 325 9.61 -3.41 -13.17
CA VAL A 325 10.57 -2.82 -14.08
C VAL A 325 9.95 -1.97 -15.22
N SER A 326 8.62 -1.80 -15.24
CA SER A 326 7.92 -1.21 -16.40
C SER A 326 7.66 0.30 -16.28
N GLY A 327 7.50 0.74 -15.04
CA GLY A 327 7.56 2.15 -14.66
C GLY A 327 8.92 2.46 -14.08
N TRP A 328 9.60 1.41 -13.66
CA TRP A 328 11.04 1.38 -13.54
C TRP A 328 11.76 1.70 -14.86
N VAL A 329 11.08 1.47 -16.01
CA VAL A 329 11.42 2.08 -17.35
C VAL A 329 11.49 3.60 -17.25
N LEU A 330 10.46 4.18 -16.63
CA LEU A 330 10.35 5.63 -16.38
C LEU A 330 10.81 6.05 -14.94
N ALA A 331 11.30 5.07 -14.16
CA ALA A 331 11.97 5.27 -12.85
C ALA A 331 13.33 5.87 -13.03
N VAL A 332 13.92 5.55 -14.18
CA VAL A 332 15.19 6.06 -14.58
C VAL A 332 15.03 7.01 -15.81
N ILE A 333 14.22 6.64 -16.82
CA ILE A 333 13.92 7.57 -17.96
C ILE A 333 12.90 8.67 -17.61
N THR A 334 12.75 8.88 -16.31
CA THR A 334 12.51 10.20 -15.82
C THR A 334 12.97 10.34 -14.34
N VAL A 335 14.14 9.75 -14.03
CA VAL A 335 15.13 10.38 -13.13
C VAL A 335 16.00 11.27 -14.01
N LEU A 336 15.73 11.22 -15.34
CA LEU A 336 16.39 12.07 -16.38
C LEU A 336 16.04 13.55 -16.30
N SER A 337 14.74 13.81 -16.33
CA SER A 337 14.25 15.16 -16.27
C SER A 337 14.19 15.59 -14.77
N LEU A 338 14.89 14.90 -13.85
CA LEU A 338 14.89 15.21 -12.38
C LEU A 338 16.15 15.90 -11.90
N VAL A 339 17.30 15.30 -12.20
CA VAL A 339 18.59 15.91 -11.90
C VAL A 339 18.89 16.92 -13.02
N LEU A 340 18.19 16.78 -14.14
CA LEU A 340 18.26 17.74 -15.26
C LEU A 340 17.60 19.10 -14.94
N PHE A 341 16.27 19.18 -15.04
CA PHE A 341 15.54 20.45 -15.01
C PHE A 341 15.52 21.11 -13.60
N ARG A 342 15.03 22.36 -13.53
CA ARG A 342 14.95 23.14 -12.26
C ARG A 342 13.71 24.07 -12.17
N SER A 343 13.54 24.75 -11.01
CA SER A 343 12.51 25.80 -10.80
C SER A 343 12.78 27.01 -11.73
N PRO A 344 12.30 26.97 -13.01
CA PRO A 344 12.76 27.98 -13.98
C PRO A 344 11.92 29.29 -13.88
N LEU A 345 11.18 29.68 -14.93
CA LEU A 345 10.13 30.71 -14.81
C LEU A 345 8.75 30.09 -15.14
N ALA A 346 8.64 28.77 -14.93
CA ALA A 346 7.37 28.07 -14.78
C ALA A 346 6.95 28.08 -13.30
N SER A 347 7.96 28.17 -12.39
CA SER A 347 7.77 28.30 -10.92
C SER A 347 7.71 29.80 -10.53
N MET A 348 6.48 30.32 -10.36
CA MET A 348 6.23 31.73 -10.01
C MET A 348 6.52 32.01 -8.50
N TYR A 349 5.67 31.50 -7.60
CA TYR A 349 5.90 31.53 -6.13
C TYR A 349 4.95 30.60 -5.30
N ASN A 350 4.59 29.41 -5.83
CA ASN A 350 3.48 28.53 -5.31
C ASN A 350 3.65 27.78 -3.95
N ASP A 351 3.89 26.46 -3.98
CA ASP A 351 3.69 25.58 -2.79
C ASP A 351 4.50 25.92 -1.51
N ASP A 352 5.69 26.51 -1.67
CA ASP A 352 6.53 26.93 -0.53
C ASP A 352 7.52 28.03 -1.01
N PRO A 353 7.04 29.28 -1.18
CA PRO A 353 7.63 30.38 -2.01
C PRO A 353 9.16 30.61 -1.94
N ALA A 354 9.89 30.25 -3.01
CA ALA A 354 11.33 30.54 -3.16
C ALA A 354 11.82 30.08 -4.53
N VAL A 355 11.71 30.93 -5.54
CA VAL A 355 12.01 30.53 -6.92
C VAL A 355 13.15 31.32 -7.57
N LEU A 356 13.02 32.65 -7.65
CA LEU A 356 14.00 33.47 -8.38
C LEU A 356 15.19 33.96 -7.49
N SER A 357 16.31 33.19 -7.55
CA SER A 357 17.68 33.53 -7.04
C SER A 357 18.28 32.56 -5.99
N ILE A 358 18.30 31.26 -6.31
CA ILE A 358 18.93 30.22 -5.48
C ILE A 358 19.51 29.06 -6.32
N ALA A 359 20.15 28.10 -5.64
CA ALA A 359 21.03 27.13 -6.26
C ALA A 359 20.33 25.85 -6.74
N SER A 360 21.08 25.06 -7.52
CA SER A 360 20.69 23.72 -7.98
C SER A 360 21.35 22.57 -7.18
N THR A 361 21.92 22.86 -6.00
CA THR A 361 22.52 21.81 -5.16
C THR A 361 21.39 20.96 -4.59
N VAL A 362 20.44 20.71 -5.48
CA VAL A 362 19.09 20.26 -5.19
C VAL A 362 18.67 19.16 -6.18
N LEU A 363 19.18 19.26 -7.41
CA LEU A 363 19.05 18.20 -8.40
C LEU A 363 20.13 17.11 -8.15
N LEU A 364 21.01 17.35 -7.15
CA LEU A 364 22.13 16.47 -6.74
C LEU A 364 21.69 15.25 -5.93
N PHE A 365 20.42 15.18 -5.63
CA PHE A 365 19.82 13.99 -5.09
C PHE A 365 18.60 13.55 -5.92
N ALA A 366 18.20 14.40 -6.88
CA ALA A 366 17.26 14.00 -7.92
C ALA A 366 17.76 12.77 -8.75
N GLY A 367 19.00 12.33 -8.49
CA GLY A 367 19.51 11.03 -8.93
C GLY A 367 19.85 10.16 -7.74
N LEU A 368 20.77 10.60 -6.86
CA LEU A 368 21.23 9.85 -5.63
C LEU A 368 20.38 8.66 -5.21
N PHE A 369 19.27 9.04 -4.62
CA PHE A 369 18.34 8.12 -4.06
C PHE A 369 17.28 7.82 -5.13
N GLN A 370 17.12 8.74 -6.10
CA GLN A 370 15.85 8.90 -6.88
C GLN A 370 15.30 7.66 -7.65
N PRO A 371 16.07 7.09 -8.62
CA PRO A 371 15.68 5.78 -9.19
C PRO A 371 16.13 4.52 -8.39
N ALA A 372 17.18 4.61 -7.55
CA ALA A 372 17.59 3.53 -6.63
C ALA A 372 16.71 3.44 -5.35
N ASP A 373 15.55 4.14 -5.38
CA ASP A 373 14.43 3.98 -4.44
C ASP A 373 13.05 4.01 -5.14
N PHE A 374 12.84 4.98 -6.03
CA PHE A 374 11.67 5.05 -6.92
C PHE A 374 10.80 3.81 -6.71
N THR A 375 11.43 2.69 -7.07
CA THR A 375 10.82 1.38 -7.11
C THR A 375 11.00 0.65 -5.76
N GLN A 376 12.18 0.78 -5.14
CA GLN A 376 12.56 -0.04 -3.97
C GLN A 376 11.63 0.03 -2.73
N CYS A 377 10.51 0.73 -2.83
CA CYS A 377 9.41 0.35 -1.96
C CYS A 377 8.10 0.03 -2.72
N ILE A 378 8.07 0.24 -4.05
CA ILE A 378 7.11 -0.48 -4.93
C ILE A 378 7.48 -2.00 -5.00
N ALA A 379 8.63 -2.32 -4.43
CA ALA A 379 8.91 -3.66 -3.96
C ALA A 379 7.92 -3.97 -2.87
N SER A 380 8.10 -3.36 -1.69
CA SER A 380 7.22 -3.66 -0.58
C SER A 380 5.72 -3.66 -1.00
N TYR A 381 5.26 -2.73 -1.85
CA TYR A 381 3.84 -2.74 -2.37
C TYR A 381 3.59 -3.98 -3.22
N ALA A 382 4.25 -5.08 -2.87
CA ALA A 382 4.20 -6.36 -3.57
C ALA A 382 5.03 -7.37 -2.79
N LEU A 383 5.01 -7.18 -1.46
CA LEU A 383 5.80 -7.91 -0.49
C LEU A 383 4.97 -7.96 0.75
N ARG A 384 4.88 -6.80 1.38
CA ARG A 384 3.65 -6.50 2.00
C ARG A 384 2.70 -6.84 0.82
N GLY A 385 2.57 -5.91 -0.13
CA GLY A 385 1.52 -5.87 -1.16
C GLY A 385 1.06 -7.21 -1.74
N TYR A 386 1.93 -8.18 -1.67
CA TYR A 386 1.56 -9.51 -2.00
C TYR A 386 1.19 -10.20 -0.68
N LYS A 387 2.19 -10.39 0.17
CA LYS A 387 2.05 -11.34 1.24
C LYS A 387 1.92 -10.61 2.56
N VAL A 388 1.85 -11.45 3.61
CA VAL A 388 2.22 -11.11 5.00
C VAL A 388 3.28 -10.01 5.03
N THR A 389 4.16 -10.01 4.02
CA THR A 389 5.49 -9.45 4.22
C THR A 389 5.58 -7.93 4.18
N LYS A 390 4.96 -7.41 5.20
CA LYS A 390 5.38 -6.24 5.89
C LYS A 390 5.77 -6.61 7.33
N VAL A 391 5.55 -7.88 7.78
CA VAL A 391 5.65 -8.32 9.23
C VAL A 391 6.88 -7.73 10.00
N PRO A 392 8.15 -8.12 9.69
CA PRO A 392 9.28 -7.14 9.61
C PRO A 392 9.84 -6.79 8.23
N MET A 393 8.94 -6.35 7.35
CA MET A 393 9.27 -5.39 6.32
C MET A 393 9.52 -4.10 7.08
N PHE A 394 8.59 -3.75 7.97
CA PHE A 394 8.86 -2.84 9.08
C PHE A 394 10.36 -2.58 9.23
N ILE A 395 11.13 -3.63 9.64
CA ILE A 395 12.61 -3.55 9.81
C ILE A 395 13.35 -3.54 8.44
N HIS A 396 12.63 -3.63 7.31
CA HIS A 396 13.14 -3.06 6.04
C HIS A 396 13.56 -1.67 6.39
N ALA A 397 12.66 -0.97 7.07
CA ALA A 397 12.74 0.47 7.28
C ALA A 397 13.52 0.91 8.54
N ALA A 398 13.76 -0.01 9.49
CA ALA A 398 14.58 0.28 10.71
C ALA A 398 16.06 0.44 10.39
N ALA A 399 16.37 0.22 9.11
CA ALA A 399 17.66 0.51 8.51
C ALA A 399 17.62 1.80 7.65
N PHE A 400 16.58 1.99 6.82
CA PHE A 400 16.58 3.08 5.81
C PHE A 400 16.44 4.49 6.44
N TRP A 401 17.10 4.63 7.58
CA TRP A 401 16.92 5.67 8.59
C TRP A 401 17.90 5.50 9.76
N GLY A 402 18.11 4.26 10.22
CA GLY A 402 19.17 3.89 11.19
C GLY A 402 20.49 3.56 10.50
N CYS A 403 20.38 3.26 9.19
CA CYS A 403 21.48 3.18 8.18
C CYS A 403 21.74 4.63 7.67
N GLY A 404 20.67 5.42 7.75
CA GLY A 404 20.69 6.85 7.48
C GLY A 404 20.72 7.79 8.68
N LEU A 405 21.18 7.30 9.83
CA LEU A 405 21.38 8.15 11.02
C LEU A 405 22.58 9.03 10.79
N LEU A 406 23.69 8.42 10.36
CA LEU A 406 24.96 9.11 10.22
C LEU A 406 25.18 9.85 8.89
N PRO A 407 24.55 9.40 7.78
CA PRO A 407 24.23 10.37 6.72
C PRO A 407 23.05 11.26 7.13
N GLY A 408 23.15 11.76 8.36
CA GLY A 408 22.56 13.00 8.80
C GLY A 408 23.73 13.95 9.03
N TYR A 409 24.49 13.74 10.12
CA TYR A 409 25.72 14.51 10.35
C TYR A 409 26.84 14.04 9.41
N LEU A 410 26.49 13.99 8.12
CA LEU A 410 27.41 13.75 7.02
C LEU A 410 27.14 14.69 5.83
N LEU A 411 26.39 15.77 6.05
CA LEU A 411 26.54 17.01 5.26
C LEU A 411 27.27 17.97 6.17
N ALA A 412 26.84 18.04 7.44
CA ALA A 412 27.49 18.84 8.47
C ALA A 412 28.71 18.10 9.01
N TYR A 413 29.77 18.12 8.20
CA TYR A 413 31.08 17.52 8.50
C TYR A 413 31.84 17.17 7.18
N ARG A 414 31.53 17.89 6.09
CA ARG A 414 31.66 17.36 4.70
C ARG A 414 32.97 17.62 3.93
N PHE A 415 33.15 16.79 2.88
CA PHE A 415 34.30 16.80 1.96
C PHE A 415 34.19 17.86 0.84
N ASP A 416 32.99 18.00 0.27
CA ASP A 416 32.77 18.96 -0.83
C ASP A 416 31.41 19.67 -0.66
N MET A 417 30.75 20.02 -1.78
CA MET A 417 29.36 20.49 -1.77
C MET A 417 28.44 19.37 -1.26
N GLY A 418 28.54 19.06 0.03
CA GLY A 418 27.88 17.88 0.62
C GLY A 418 26.41 18.02 0.92
N ILE A 419 25.75 18.83 0.09
CA ILE A 419 24.35 19.06 0.25
C ILE A 419 23.67 17.70 0.11
N TYR A 420 24.10 16.92 -0.88
CA TYR A 420 23.50 15.61 -1.13
C TYR A 420 24.27 14.48 -0.41
N GLY A 421 25.02 14.88 0.62
CA GLY A 421 26.02 14.05 1.26
C GLY A 421 25.62 13.44 2.59
N PHE A 422 24.57 13.97 3.19
CA PHE A 422 23.88 13.19 4.19
C PHE A 422 22.88 12.29 3.44
N TRP A 423 22.83 12.44 2.10
CA TRP A 423 22.12 11.52 1.18
C TRP A 423 23.20 10.65 0.67
N THR A 424 23.87 10.07 1.65
CA THR A 424 25.05 9.28 1.46
C THR A 424 24.65 7.83 1.76
N ALA A 425 24.86 7.38 3.01
CA ALA A 425 24.27 6.12 3.47
C ALA A 425 22.76 6.33 3.67
N LEU A 426 22.22 7.41 3.06
CA LEU A 426 20.79 7.61 2.80
C LEU A 426 20.52 7.86 1.32
N ILE A 427 21.45 7.42 0.49
CA ILE A 427 21.09 6.83 -0.78
C ILE A 427 21.74 5.46 -0.88
N ALA A 428 22.57 5.11 0.13
CA ALA A 428 23.15 3.76 0.29
C ALA A 428 22.46 2.94 1.40
N SER A 429 21.86 3.66 2.37
CA SER A 429 20.81 3.13 3.26
C SER A 429 19.64 2.74 2.40
N LEU A 430 19.49 3.50 1.32
CA LEU A 430 18.30 3.49 0.48
C LEU A 430 18.47 2.73 -0.87
N THR A 431 19.61 2.07 -1.07
CA THR A 431 19.66 0.96 -2.03
C THR A 431 20.28 -0.33 -1.38
N ILE A 432 20.28 -0.42 -0.03
CA ILE A 432 20.28 -1.76 0.67
C ILE A 432 18.80 -2.18 0.85
N ALA A 433 17.91 -1.58 0.05
CA ALA A 433 16.62 -2.17 -0.31
C ALA A 433 16.63 -2.83 -1.72
N ALA A 434 17.44 -2.31 -2.64
CA ALA A 434 17.73 -3.06 -3.88
C ALA A 434 18.16 -4.48 -3.49
N VAL A 435 18.56 -4.66 -2.23
CA VAL A 435 18.76 -5.99 -1.64
C VAL A 435 17.56 -6.33 -0.73
N ALA A 436 17.63 -5.92 0.55
CA ALA A 436 16.84 -6.49 1.68
C ALA A 436 15.50 -7.11 1.28
N LEU A 437 14.79 -6.37 0.42
CA LEU A 437 13.44 -6.69 -0.07
C LEU A 437 13.51 -7.62 -1.32
N VAL A 438 13.69 -7.05 -2.51
CA VAL A 438 13.82 -7.82 -3.71
C VAL A 438 14.95 -8.89 -3.51
N TRP A 439 15.46 -8.96 -2.27
CA TRP A 439 16.01 -10.17 -1.58
C TRP A 439 14.92 -11.16 -1.15
N CYS A 440 13.94 -10.73 -0.35
CA CYS A 440 12.66 -11.46 -0.20
C CYS A 440 11.62 -11.04 -1.38
N LEU A 441 11.98 -11.33 -2.61
CA LEU A 441 11.09 -11.32 -3.79
C LEU A 441 11.83 -12.27 -4.70
N GLU A 442 12.86 -12.88 -4.11
CA GLU A 442 13.41 -14.14 -4.54
C GLU A 442 13.98 -15.06 -3.36
N LYS A 443 13.57 -14.79 -2.10
CA LYS A 443 13.27 -15.89 -1.14
C LYS A 443 11.82 -16.17 -1.55
N TYR A 444 11.19 -15.23 -2.24
CA TYR A 444 9.78 -15.13 -2.14
C TYR A 444 8.90 -15.56 -3.33
N SER A 445 9.24 -15.17 -4.54
CA SER A 445 8.64 -15.83 -5.72
C SER A 445 9.20 -17.28 -5.84
N MET A 446 10.13 -17.58 -4.93
CA MET A 446 10.61 -18.91 -4.66
C MET A 446 9.98 -19.46 -3.37
N GLU A 447 8.86 -18.87 -2.96
CA GLU A 447 7.94 -19.55 -2.05
C GLU A 447 6.68 -19.97 -2.80
N LEU A 448 6.60 -19.54 -4.06
CA LEU A 448 5.52 -19.94 -4.98
C LEU A 448 6.09 -20.95 -5.99
N VAL A 449 7.09 -21.65 -5.48
CA VAL A 449 7.34 -23.02 -5.77
C VAL A 449 6.79 -23.78 -4.55
N LYS A 450 7.43 -23.61 -3.39
CA LYS A 450 7.07 -24.30 -2.14
C LYS A 450 5.56 -24.34 -1.87
N SER A 451 4.91 -23.26 -2.28
CA SER A 451 3.47 -23.14 -2.18
C SER A 451 2.77 -23.89 -3.34
N HIS A 452 3.24 -23.71 -4.57
CA HIS A 452 2.60 -24.35 -5.73
C HIS A 452 2.93 -25.80 -5.78
N LYS A 453 2.22 -26.60 -4.99
CA LYS A 453 2.72 -27.91 -4.70
C LYS A 453 2.34 -29.02 -5.68
N ALA A 454 1.49 -28.73 -6.67
CA ALA A 454 1.43 -29.55 -7.87
C ALA A 454 1.68 -28.63 -9.06
N VAL A 455 2.51 -29.07 -10.01
CA VAL A 455 3.14 -28.17 -11.04
C VAL A 455 2.27 -27.87 -12.26
N SER A 456 1.19 -28.64 -12.41
CA SER A 456 0.16 -28.54 -13.47
C SER A 456 -0.73 -29.83 -13.46
N SER A 457 -1.59 -30.01 -14.47
CA SER A 457 -2.59 -31.09 -14.51
C SER A 457 -2.81 -31.70 -15.90
N GLY A 458 -3.98 -32.32 -16.12
CA GLY A 458 -4.24 -33.16 -17.29
C GLY A 458 -5.08 -32.56 -18.42
N LEU A 459 -5.99 -33.38 -18.97
CA LEU A 459 -6.89 -33.00 -20.09
C LEU A 459 -7.95 -34.09 -20.34
N VAL B 9 -17.60 -41.77 -20.50
CA VAL B 9 -16.66 -41.50 -21.64
C VAL B 9 -16.07 -40.08 -21.41
N SER B 10 -14.98 -39.99 -20.62
CA SER B 10 -14.34 -38.68 -20.22
C SER B 10 -12.90 -38.74 -19.54
N SER B 11 -12.43 -37.61 -18.96
CA SER B 11 -11.12 -37.49 -18.24
C SER B 11 -11.24 -36.92 -16.77
N VAL B 12 -10.12 -36.53 -16.14
CA VAL B 12 -10.07 -36.45 -14.65
C VAL B 12 -10.57 -35.13 -14.02
N PRO B 13 -10.91 -35.13 -12.69
CA PRO B 13 -10.76 -33.99 -11.81
C PRO B 13 -9.41 -33.38 -12.03
N THR B 14 -9.33 -32.52 -13.04
CA THR B 14 -8.07 -32.21 -13.75
C THR B 14 -7.41 -30.87 -13.34
N LYS B 15 -7.17 -30.68 -12.03
CA LYS B 15 -6.20 -29.67 -11.51
C LYS B 15 -5.33 -30.39 -10.50
N LEU B 16 -4.18 -29.81 -10.13
CA LEU B 16 -3.30 -30.37 -9.07
C LEU B 16 -2.67 -29.28 -8.12
N GLU B 17 -2.85 -29.40 -6.79
CA GLU B 17 -2.21 -28.49 -5.81
C GLU B 17 -2.34 -28.91 -4.32
N VAL B 18 -1.26 -28.75 -3.55
CA VAL B 18 -1.24 -29.14 -2.13
C VAL B 18 -0.80 -28.04 -1.15
N VAL B 19 -0.90 -26.78 -1.62
CA VAL B 19 -0.12 -25.61 -1.12
C VAL B 19 0.82 -25.89 0.11
N ALA B 20 0.27 -25.98 1.31
CA ALA B 20 1.06 -26.21 2.52
C ALA B 20 0.63 -27.49 3.14
N ALA B 21 1.47 -27.96 4.03
CA ALA B 21 1.04 -28.86 5.05
C ALA B 21 0.68 -28.06 6.30
N THR B 22 0.38 -28.82 7.35
CA THR B 22 0.59 -28.40 8.73
C THR B 22 1.66 -29.36 9.26
N PRO B 23 2.75 -29.53 8.49
CA PRO B 23 3.61 -30.71 8.37
C PRO B 23 3.53 -31.81 9.44
N THR B 24 2.30 -32.10 9.88
CA THR B 24 1.86 -33.45 10.24
C THR B 24 0.88 -33.80 9.12
N SER B 25 -0.11 -32.91 9.04
CA SER B 25 -1.19 -32.95 8.11
C SER B 25 -0.93 -31.99 6.96
N LEU B 26 -1.92 -31.86 6.08
CA LEU B 26 -1.72 -31.18 4.80
C LEU B 26 -3.05 -30.76 4.17
N LEU B 27 -3.01 -29.64 3.45
CA LEU B 27 -4.15 -29.20 2.65
C LEU B 27 -4.05 -29.78 1.27
N ILE B 28 -5.21 -30.04 0.68
CA ILE B 28 -5.28 -30.60 -0.67
C ILE B 28 -6.32 -29.86 -1.52
N SER B 29 -5.87 -28.79 -2.16
CA SER B 29 -6.77 -27.76 -2.73
C SER B 29 -7.01 -27.86 -4.26
N TRP B 30 -7.89 -28.77 -4.68
CA TRP B 30 -7.94 -29.20 -6.08
C TRP B 30 -9.25 -28.89 -6.74
N ASP B 31 -9.30 -29.17 -8.05
CA ASP B 31 -10.44 -28.78 -8.87
C ASP B 31 -11.73 -29.39 -8.33
N ALA B 32 -12.82 -28.69 -8.69
CA ALA B 32 -14.21 -29.14 -8.55
C ALA B 32 -15.13 -28.07 -9.18
N ARG B 33 -15.42 -28.18 -10.49
CA ARG B 33 -16.27 -27.21 -11.24
C ARG B 33 -17.78 -27.59 -11.17
N GLY B 34 -18.42 -27.36 -10.03
CA GLY B 34 -19.65 -28.10 -9.69
C GLY B 34 -19.26 -29.47 -9.10
N GLU B 35 -19.84 -30.59 -9.58
CA GLU B 35 -19.47 -32.00 -9.16
C GLU B 35 -19.64 -32.91 -10.34
N TYR B 36 -20.01 -34.16 -10.16
CA TYR B 36 -21.09 -34.44 -11.07
C TYR B 36 -22.40 -34.90 -10.52
N VAL B 37 -22.83 -36.15 -10.71
CA VAL B 37 -23.89 -36.57 -9.84
C VAL B 37 -23.29 -36.11 -8.51
N VAL B 38 -22.00 -36.42 -8.26
CA VAL B 38 -21.19 -35.71 -7.27
C VAL B 38 -20.62 -36.64 -6.31
N TYR B 39 -19.34 -36.65 -6.24
CA TYR B 39 -18.77 -37.48 -5.24
C TYR B 39 -17.31 -37.50 -5.44
N TYR B 40 -16.60 -37.73 -4.35
CA TYR B 40 -15.19 -37.81 -4.48
C TYR B 40 -14.76 -38.86 -3.51
N ARG B 41 -13.75 -39.57 -3.95
CA ARG B 41 -13.03 -40.47 -3.13
C ARG B 41 -11.67 -39.86 -3.26
N ILE B 42 -10.82 -40.10 -2.28
CA ILE B 42 -9.47 -39.58 -2.32
C ILE B 42 -8.56 -40.70 -1.71
N THR B 43 -7.61 -41.21 -2.50
CA THR B 43 -6.69 -42.23 -2.03
C THR B 43 -5.95 -41.77 -0.78
N TYR B 44 -5.28 -42.69 -0.07
CA TYR B 44 -4.50 -42.32 1.12
C TYR B 44 -3.33 -43.22 1.41
N GLY B 45 -2.30 -43.01 0.60
CA GLY B 45 -1.03 -43.71 0.74
C GLY B 45 0.17 -42.78 0.57
N GLU B 46 1.30 -43.28 1.08
CA GLU B 46 2.66 -42.86 0.68
C GLU B 46 2.86 -43.24 -0.78
N THR B 47 4.11 -43.33 -1.21
CA THR B 47 4.37 -44.02 -2.44
C THR B 47 5.24 -45.18 -2.11
N GLY B 48 5.25 -45.49 -0.81
CA GLY B 48 6.09 -46.54 -0.25
C GLY B 48 5.74 -47.94 -0.74
N GLY B 49 4.45 -48.25 -0.79
CA GLY B 49 3.98 -49.58 -1.21
C GLY B 49 3.48 -50.35 -0.01
N ASN B 50 3.97 -49.98 1.17
CA ASN B 50 3.59 -50.61 2.44
C ASN B 50 2.33 -49.92 3.03
N SER B 51 2.38 -49.53 4.32
CA SER B 51 1.43 -48.58 4.97
C SER B 51 0.14 -48.30 4.21
N PRO B 52 -0.70 -49.34 4.07
CA PRO B 52 -1.82 -49.35 3.11
C PRO B 52 -2.42 -47.97 2.72
N VAL B 53 -3.05 -47.95 1.55
CA VAL B 53 -3.85 -46.80 1.12
C VAL B 53 -5.11 -46.77 1.95
N GLN B 54 -5.55 -45.59 2.33
CA GLN B 54 -6.82 -45.43 3.06
C GLN B 54 -7.74 -44.47 2.33
N GLU B 55 -8.84 -44.06 2.96
CA GLU B 55 -9.78 -43.25 2.23
C GLU B 55 -10.43 -42.13 3.01
N PHE B 56 -10.29 -40.94 2.43
CA PHE B 56 -11.13 -39.78 2.69
C PHE B 56 -12.24 -39.80 1.64
N THR B 57 -13.32 -39.06 1.89
CA THR B 57 -14.43 -38.95 0.90
C THR B 57 -15.39 -37.72 1.06
N VAL B 58 -15.56 -37.00 -0.05
CA VAL B 58 -16.28 -35.73 -0.09
C VAL B 58 -17.37 -35.57 -1.14
N PRO B 59 -18.10 -34.46 -1.00
CA PRO B 59 -19.32 -34.20 -1.79
C PRO B 59 -19.28 -33.21 -3.00
N GLY B 60 -19.61 -31.96 -2.69
CA GLY B 60 -20.12 -31.00 -3.62
C GLY B 60 -19.00 -30.79 -4.58
N SER B 61 -18.60 -29.52 -4.79
CA SER B 61 -17.42 -29.12 -5.60
C SER B 61 -16.20 -29.03 -4.69
N SER B 62 -16.12 -30.14 -3.95
CA SER B 62 -15.39 -30.28 -2.71
C SER B 62 -14.31 -31.39 -2.75
N SER B 63 -13.45 -31.38 -3.79
CA SER B 63 -12.09 -31.97 -3.70
C SER B 63 -11.08 -30.90 -3.11
N THR B 64 -11.54 -29.62 -3.03
CA THR B 64 -10.85 -28.47 -2.39
C THR B 64 -10.69 -28.67 -0.83
N ALA B 65 -10.19 -29.85 -0.42
CA ALA B 65 -10.34 -30.43 0.95
C ALA B 65 -9.02 -30.46 1.79
N THR B 66 -8.88 -31.40 2.74
CA THR B 66 -7.67 -31.48 3.63
C THR B 66 -7.48 -32.69 4.55
N ILE B 67 -6.21 -33.15 4.68
CA ILE B 67 -5.90 -34.48 5.23
C ILE B 67 -5.64 -34.53 6.74
N SER B 68 -5.68 -35.74 7.31
CA SER B 68 -5.33 -36.04 8.73
C SER B 68 -3.82 -36.33 8.93
N GLY B 69 -3.01 -35.80 8.02
CA GLY B 69 -1.65 -36.28 7.72
C GLY B 69 -0.92 -36.75 8.95
N LEU B 70 -1.19 -37.99 9.33
CA LEU B 70 -0.70 -38.50 10.59
C LEU B 70 0.84 -38.45 10.52
N SER B 71 1.46 -39.49 9.95
CA SER B 71 2.91 -39.72 10.03
C SER B 71 3.78 -38.54 9.48
N PRO B 72 5.08 -38.54 9.82
CA PRO B 72 5.99 -37.38 9.67
C PRO B 72 6.32 -36.89 8.24
N GLY B 73 7.60 -36.57 8.01
CA GLY B 73 8.08 -36.05 6.74
C GLY B 73 8.06 -36.94 5.51
N VAL B 74 7.64 -38.20 5.68
CA VAL B 74 7.79 -39.26 4.65
C VAL B 74 6.93 -39.05 3.38
N ASP B 75 7.46 -39.45 2.20
CA ASP B 75 6.76 -39.21 0.92
C ASP B 75 5.44 -39.88 0.83
N TYR B 76 4.46 -39.04 0.47
CA TYR B 76 3.05 -39.35 0.45
C TYR B 76 2.49 -39.06 -0.97
N THR B 77 1.57 -39.88 -1.44
CA THR B 77 1.02 -39.74 -2.78
C THR B 77 -0.43 -39.95 -2.72
N ILE B 78 -1.19 -39.01 -3.26
CA ILE B 78 -2.65 -39.12 -3.15
C ILE B 78 -3.47 -38.46 -4.26
N THR B 79 -4.47 -39.25 -4.64
CA THR B 79 -5.32 -39.07 -5.80
C THR B 79 -6.76 -38.77 -5.40
N VAL B 80 -7.49 -38.12 -6.31
CA VAL B 80 -8.91 -37.94 -6.15
C VAL B 80 -9.68 -38.45 -7.34
N TYR B 81 -11.00 -38.57 -7.14
CA TYR B 81 -11.84 -39.46 -7.93
C TYR B 81 -13.20 -38.84 -8.28
N ALA B 82 -13.39 -38.61 -9.59
CA ALA B 82 -14.66 -38.13 -10.14
C ALA B 82 -15.74 -39.16 -9.72
N ARG B 83 -17.01 -38.73 -9.70
CA ARG B 83 -18.17 -39.62 -9.63
C ARG B 83 -19.39 -38.84 -10.09
N SER B 84 -20.09 -39.49 -11.01
CA SER B 84 -20.93 -38.80 -11.96
C SER B 84 -22.02 -39.72 -12.49
N TYR B 85 -22.88 -39.20 -13.37
CA TYR B 85 -23.78 -40.00 -14.22
C TYR B 85 -23.88 -41.48 -13.79
N TYR B 86 -22.93 -42.31 -14.24
CA TYR B 86 -22.88 -43.70 -13.80
C TYR B 86 -22.29 -43.54 -12.43
N TRP B 87 -23.09 -43.84 -11.43
CA TRP B 87 -22.62 -44.03 -10.06
C TRP B 87 -21.18 -44.51 -9.91
N GLY B 88 -20.50 -44.78 -11.04
CA GLY B 88 -19.05 -45.07 -11.06
C GLY B 88 -18.21 -43.82 -11.21
N TRP B 89 -16.98 -43.98 -11.73
CA TRP B 89 -15.92 -42.95 -11.63
C TRP B 89 -15.33 -42.48 -12.93
N TYR B 90 -15.31 -41.14 -13.06
CA TYR B 90 -15.15 -40.41 -14.32
C TYR B 90 -13.72 -39.94 -14.66
N SER B 91 -12.83 -40.00 -13.69
CA SER B 91 -11.43 -40.38 -13.94
C SER B 91 -10.71 -39.87 -12.72
N PRO B 92 -9.53 -40.42 -12.42
CA PRO B 92 -8.81 -40.00 -11.23
C PRO B 92 -7.55 -39.22 -11.56
N ILE B 93 -6.92 -38.59 -10.56
CA ILE B 93 -5.65 -37.87 -10.77
C ILE B 93 -4.85 -37.58 -9.51
N SER B 94 -3.53 -37.83 -9.57
CA SER B 94 -2.65 -37.68 -8.40
C SER B 94 -1.29 -37.01 -8.62
N ILE B 95 -0.82 -36.44 -7.50
CA ILE B 95 0.56 -36.07 -7.29
C ILE B 95 1.01 -36.67 -5.95
N ASN B 96 2.27 -36.46 -5.59
CA ASN B 96 2.86 -37.26 -4.55
C ASN B 96 3.77 -36.54 -3.56
N TYR B 97 3.66 -35.21 -3.44
CA TYR B 97 4.70 -34.41 -2.74
C TYR B 97 4.48 -34.04 -1.25
N ARG B 98 5.30 -34.67 -0.40
CA ARG B 98 4.98 -34.99 1.03
C ARG B 98 4.93 -33.88 2.15
N THR B 99 5.72 -34.04 3.22
CA THR B 99 5.59 -33.29 4.50
C THR B 99 5.92 -31.79 4.39
CS CS C . 7.35 10.22 0.25
#